data_7N2X
#
_entry.id   7N2X
#
_cell.length_a   94.355
_cell.length_b   94.355
_cell.length_c   53.081
_cell.angle_alpha   90.00
_cell.angle_beta   90.00
_cell.angle_gamma   90.00
#
_symmetry.space_group_name_H-M   'P 4 21 2'
#
loop_
_entity.id
_entity.type
_entity.pdbx_description
1 polymer 'FMN-dependent NADH:quinone oxidoreductase'
2 non-polymer 'FLAVIN MONONUCLEOTIDE'
3 non-polymer 1,2-ETHANEDIOL
4 non-polymer '2-AMINO-ACRYLIC ACID'
5 non-polymer 1-ETHOXY-2-(2-ETHOXYETHOXY)ETHANE
6 water water
#
_entity_poly.entity_id   1
_entity_poly.type   'polypeptide(L)'
_entity_poly.pdbx_seq_one_letter_code
;MHHHHHHSSGVDLGTENLYFQSMSKVLVLKSSILAGYSQSNQLSDYFVEQWREKHSADEITVRDLAANPIPVLDGELVGA
LRPSDAPLTTRQQEALALSDELIAELKAHDVIVIAAPMYNFNISTQLKNYFDLVARAGVTFRYTENGPEGLVTGKKAIVI
TSRGGIHKDGPTDLVTPYLSTFLGFIGITDVKFVFAEGIAYGPEMAAKAQSDAKAAIDSIVAA
;
_entity_poly.pdbx_strand_id   A
#
# COMPACT_ATOMS: atom_id res chain seq x y z
N MET A 23 19.74 10.20 2.42
CA MET A 23 19.50 8.79 2.69
C MET A 23 18.01 8.51 2.93
N SER A 24 17.41 7.54 2.23
CA SER A 24 16.00 7.26 2.37
C SER A 24 15.74 5.94 3.12
N LYS A 25 14.53 5.82 3.66
CA LYS A 25 14.03 4.56 4.21
C LYS A 25 12.85 4.17 3.34
N VAL A 26 12.87 2.94 2.81
CA VAL A 26 11.86 2.46 1.87
C VAL A 26 11.00 1.40 2.55
N LEU A 27 9.67 1.58 2.51
CA LEU A 27 8.71 0.61 3.01
C LEU A 27 8.03 -0.05 1.83
N VAL A 28 8.00 -1.38 1.84
CA VAL A 28 7.36 -2.14 0.77
C VAL A 28 6.20 -2.94 1.41
N LEU A 29 4.98 -2.74 0.89
CA LEU A 29 3.75 -3.37 1.38
C LEU A 29 3.28 -4.34 0.31
N LYS A 30 3.34 -5.64 0.61
CA LYS A 30 2.86 -6.68 -0.34
C LYS A 30 1.45 -7.06 0.05
N SER A 31 0.55 -7.21 -0.96
CA SER A 31 -0.85 -7.52 -0.59
C SER A 31 -1.50 -8.61 -1.43
N SER A 32 -0.76 -9.24 -2.33
CA SER A 32 -1.30 -10.36 -3.11
C SER A 32 -1.58 -11.58 -2.24
N ILE A 33 -2.57 -12.39 -2.67
CA ILE A 33 -2.82 -13.66 -2.00
C ILE A 33 -2.17 -14.82 -2.74
N LEU A 34 -1.35 -14.54 -3.76
CA LEU A 34 -0.80 -15.64 -4.56
C LEU A 34 0.67 -15.95 -4.27
N ALA A 35 1.22 -15.43 -3.18
CA ALA A 35 2.53 -15.89 -2.61
C ALA A 35 3.59 -15.76 -3.69
N GLY A 36 4.44 -16.76 -3.89
CA GLY A 36 5.53 -16.60 -4.83
C GLY A 36 5.10 -16.54 -6.26
N TYR A 37 3.84 -16.89 -6.53
CA TYR A 37 3.35 -16.79 -7.89
C TYR A 37 2.81 -15.41 -8.21
N SER A 38 2.78 -14.51 -7.22
CA SER A 38 2.21 -13.19 -7.38
C SER A 38 3.04 -12.34 -8.36
N GLN A 39 2.34 -11.73 -9.33
CA GLN A 39 3.03 -10.83 -10.27
C GLN A 39 3.48 -9.56 -9.59
N SER A 40 2.63 -9.01 -8.71
CA SER A 40 2.99 -7.77 -8.02
C SER A 40 4.13 -8.01 -7.02
N ASN A 41 4.18 -9.19 -6.39
CA ASN A 41 5.32 -9.45 -5.49
C ASN A 41 6.61 -9.58 -6.29
N GLN A 42 6.56 -10.24 -7.43
CA GLN A 42 7.76 -10.32 -8.27
C GLN A 42 8.28 -8.94 -8.63
N LEU A 43 7.37 -8.03 -8.96
CA LEU A 43 7.78 -6.66 -9.27
C LEU A 43 8.25 -5.91 -8.04
N SER A 44 7.62 -6.18 -6.88
CA SER A 44 8.11 -5.55 -5.66
C SER A 44 9.52 -6.01 -5.33
N ASP A 45 9.78 -7.30 -5.54
CA ASP A 45 11.14 -7.80 -5.30
C ASP A 45 12.14 -7.16 -6.27
N TYR A 46 11.75 -7.00 -7.54
CA TYR A 46 12.60 -6.29 -8.50
C TYR A 46 12.88 -4.86 -8.03
N PHE A 47 11.83 -4.14 -7.61
CA PHE A 47 12.03 -2.80 -7.08
C PHE A 47 13.08 -2.79 -5.97
N VAL A 48 12.94 -3.68 -4.98
CA VAL A 48 13.89 -3.73 -3.86
C VAL A 48 15.30 -4.00 -4.39
N GLU A 49 15.43 -4.98 -5.28
CA GLU A 49 16.76 -5.32 -5.82
C GLU A 49 17.40 -4.12 -6.49
N GLN A 50 16.63 -3.41 -7.31
CA GLN A 50 17.16 -2.25 -8.04
C GLN A 50 17.44 -1.08 -7.11
N TRP A 51 16.59 -0.89 -6.10
CA TRP A 51 16.86 0.19 -5.14
C TRP A 51 18.12 -0.08 -4.33
N ARG A 52 18.29 -1.32 -3.84
CA ARG A 52 19.53 -1.66 -3.14
C ARG A 52 20.75 -1.40 -4.03
N GLU A 53 20.64 -1.75 -5.31
CA GLU A 53 21.79 -1.60 -6.21
C GLU A 53 22.14 -0.13 -6.40
N LYS A 54 21.13 0.71 -6.64
CA LYS A 54 21.36 2.11 -6.93
C LYS A 54 21.52 2.97 -5.69
N HIS A 55 20.99 2.52 -4.53
CA HIS A 55 20.98 3.31 -3.30
C HIS A 55 21.39 2.40 -2.14
N SER A 56 22.67 1.98 -2.14
CA SER A 56 23.10 0.93 -1.22
C SER A 56 22.99 1.32 0.25
N ALA A 57 22.96 2.62 0.57
CA ALA A 57 22.92 3.02 1.97
C ALA A 57 21.50 3.06 2.54
N ASP A 58 20.50 2.88 1.70
CA ASP A 58 19.11 3.04 2.12
C ASP A 58 18.63 1.81 2.89
N GLU A 59 17.69 2.02 3.82
CA GLU A 59 17.16 0.92 4.62
C GLU A 59 15.87 0.51 3.94
N ILE A 60 15.63 -0.80 3.83
CA ILE A 60 14.42 -1.28 3.14
C ILE A 60 13.67 -2.16 4.13
N THR A 61 12.39 -1.86 4.34
CA THR A 61 11.52 -2.63 5.20
C THR A 61 10.44 -3.23 4.34
N VAL A 62 10.17 -4.52 4.50
CA VAL A 62 9.12 -5.18 3.73
C VAL A 62 8.10 -5.75 4.71
N ARG A 63 6.81 -5.52 4.43
CA ARG A 63 5.72 -6.07 5.24
C ARG A 63 4.78 -6.78 4.29
N ASP A 64 4.61 -8.07 4.49
CA ASP A 64 3.72 -8.86 3.65
C ASP A 64 2.39 -8.99 4.37
N LEU A 65 1.37 -8.25 3.87
CA LEU A 65 0.05 -8.18 4.48
C LEU A 65 -0.75 -9.46 4.27
N ALA A 66 -0.27 -10.37 3.42
CA ALA A 66 -0.93 -11.67 3.31
C ALA A 66 -0.28 -12.70 4.21
N ALA A 67 1.05 -12.65 4.29
CA ALA A 67 1.75 -13.61 5.14
C ALA A 67 1.59 -13.26 6.62
N ASN A 68 1.42 -11.97 6.92
CA ASN A 68 1.18 -11.49 8.30
C ASN A 68 -0.10 -10.67 8.28
N PRO A 69 -1.27 -11.33 8.29
CA PRO A 69 -2.54 -10.62 8.02
C PRO A 69 -2.89 -9.63 9.10
N ILE A 70 -3.51 -8.55 8.64
CA ILE A 70 -4.12 -7.51 9.50
C ILE A 70 -5.56 -7.93 9.73
N PRO A 71 -6.12 -7.82 10.93
CA PRO A 71 -7.54 -8.18 11.13
C PRO A 71 -8.51 -7.28 10.39
N VAL A 72 -9.69 -7.85 10.11
CA VAL A 72 -10.80 -7.10 9.55
C VAL A 72 -11.30 -6.10 10.56
N LEU A 73 -11.55 -4.86 10.10
CA LEU A 73 -12.15 -3.86 10.99
C LEU A 73 -13.62 -4.24 11.24
N ASP A 74 -13.96 -4.61 12.47
CA ASP A 74 -15.36 -4.91 12.81
C ASP A 74 -15.83 -3.95 13.92
N GLY A 75 -17.02 -4.24 14.47
CA GLY A 75 -17.60 -3.30 15.44
C GLY A 75 -16.87 -3.27 16.76
N GLU A 76 -16.07 -4.30 17.05
CA GLU A 76 -15.26 -4.28 18.26
C GLU A 76 -13.97 -3.50 17.99
N LEU A 77 -13.29 -3.82 16.88
CA LEU A 77 -11.98 -3.18 16.68
C LEU A 77 -12.13 -1.69 16.39
N VAL A 78 -13.24 -1.25 15.81
CA VAL A 78 -13.31 0.16 15.47
C VAL A 78 -13.22 1.05 16.72
N GLY A 79 -13.74 0.57 17.85
CA GLY A 79 -13.72 1.38 19.04
C GLY A 79 -12.34 1.51 19.62
N ALA A 80 -11.47 0.55 19.33
CA ALA A 80 -10.09 0.58 19.81
C ALA A 80 -9.31 1.74 19.20
N LEU A 81 -9.74 2.21 18.01
CA LEU A 81 -8.99 3.20 17.25
C LEU A 81 -9.38 4.64 17.53
N ARG A 82 -10.38 4.87 18.38
CA ARG A 82 -10.91 6.13 18.87
C ARG A 82 -10.18 6.55 20.14
N PRO A 83 -9.87 7.83 20.32
CA PRO A 83 -9.40 8.28 21.63
C PRO A 83 -10.48 8.05 22.67
N SER A 84 -10.14 7.28 23.71
CA SER A 84 -11.07 7.05 24.80
C SER A 84 -10.30 6.75 26.09
N ASP A 85 -10.92 7.06 27.22
CA ASP A 85 -10.46 6.58 28.51
C ASP A 85 -11.18 5.32 28.94
N ALA A 86 -12.06 4.78 28.10
CA ALA A 86 -12.80 3.58 28.43
C ALA A 86 -11.89 2.36 28.36
N PRO A 87 -12.04 1.40 29.27
CA PRO A 87 -11.26 0.16 29.19
C PRO A 87 -11.51 -0.58 27.89
N LEU A 88 -10.44 -1.14 27.34
CA LEU A 88 -10.53 -1.90 26.10
C LEU A 88 -10.50 -3.40 26.39
N THR A 89 -11.15 -4.18 25.53
CA THR A 89 -10.97 -5.62 25.58
C THR A 89 -9.55 -5.99 25.18
N THR A 90 -9.14 -7.22 25.54
CA THR A 90 -7.85 -7.74 25.07
C THR A 90 -7.73 -7.59 23.55
N ARG A 91 -8.77 -8.00 22.83
CA ARG A 91 -8.72 -7.94 21.39
C ARG A 91 -8.57 -6.50 20.89
N GLN A 92 -9.34 -5.57 21.49
CA GLN A 92 -9.17 -4.15 21.20
C GLN A 92 -7.76 -3.66 21.53
N GLN A 93 -7.23 -4.00 22.70
CA GLN A 93 -5.87 -3.56 23.03
CA GLN A 93 -5.88 -3.52 23.00
C GLN A 93 -4.89 -4.00 21.95
N GLU A 94 -4.99 -5.27 21.53
CA GLU A 94 -4.04 -5.77 20.54
C GLU A 94 -4.20 -5.07 19.19
N ALA A 95 -5.44 -4.79 18.78
CA ALA A 95 -5.63 -4.08 17.52
C ALA A 95 -5.09 -2.66 17.59
N LEU A 96 -5.27 -1.99 18.74
CA LEU A 96 -4.72 -0.65 18.92
C LEU A 96 -3.20 -0.70 18.82
N ALA A 97 -2.57 -1.67 19.50
CA ALA A 97 -1.12 -1.82 19.42
C ALA A 97 -0.66 -2.04 17.99
N LEU A 98 -1.38 -2.87 17.24
CA LEU A 98 -1.02 -3.13 15.85
C LEU A 98 -1.22 -1.89 15.00
N SER A 99 -2.35 -1.20 15.16
CA SER A 99 -2.56 0.05 14.45
C SER A 99 -1.42 1.03 14.74
N ASP A 100 -1.07 1.20 16.00
CA ASP A 100 0.04 2.10 16.34
C ASP A 100 1.33 1.63 15.68
N GLU A 101 1.58 0.32 15.67
CA GLU A 101 2.80 -0.19 15.03
C GLU A 101 2.79 0.13 13.53
N LEU A 102 1.66 -0.11 12.87
CA LEU A 102 1.59 0.15 11.43
C LEU A 102 1.78 1.62 11.13
N ILE A 103 1.15 2.50 11.91
CA ILE A 103 1.22 3.93 11.61
C ILE A 103 2.62 4.44 11.88
N ALA A 104 3.23 4.01 13.00
CA ALA A 104 4.61 4.41 13.27
C ALA A 104 5.53 3.99 12.14
N GLU A 105 5.33 2.78 11.64
CA GLU A 105 6.16 2.26 10.54
C GLU A 105 5.95 3.08 9.28
N LEU A 106 4.69 3.40 8.96
CA LEU A 106 4.40 4.20 7.78
C LEU A 106 5.06 5.58 7.91
N LYS A 107 4.89 6.23 9.06
CA LYS A 107 5.47 7.56 9.23
C LYS A 107 6.99 7.53 9.30
N ALA A 108 7.59 6.38 9.63
CA ALA A 108 9.05 6.34 9.74
C ALA A 108 9.77 6.19 8.42
N HIS A 109 9.07 5.85 7.34
CA HIS A 109 9.72 5.63 6.05
C HIS A 109 9.43 6.77 5.08
N ASP A 110 10.35 6.96 4.14
CA ASP A 110 10.34 8.09 3.22
C ASP A 110 9.70 7.76 1.88
N VAL A 111 9.91 6.53 1.40
CA VAL A 111 9.45 6.03 0.11
C VAL A 111 8.55 4.84 0.43
N ILE A 112 7.31 4.87 -0.05
CA ILE A 112 6.32 3.85 0.29
C ILE A 112 5.91 3.14 -1.00
N VAL A 113 6.23 1.86 -1.08
CA VAL A 113 5.91 1.07 -2.28
C VAL A 113 4.73 0.19 -1.92
N ILE A 114 3.62 0.30 -2.67
CA ILE A 114 2.42 -0.45 -2.32
C ILE A 114 2.10 -1.36 -3.49
N ALA A 115 2.17 -2.67 -3.26
CA ALA A 115 1.76 -3.64 -4.28
C ALA A 115 0.28 -3.88 -4.12
N ALA A 116 -0.49 -3.58 -5.18
CA ALA A 116 -1.94 -3.50 -5.09
C ALA A 116 -2.58 -4.25 -6.26
N PRO A 117 -2.68 -5.62 -6.25
CA PRO A 117 -3.43 -6.33 -7.30
C PRO A 117 -4.92 -5.98 -7.32
N MET A 118 -5.54 -5.99 -8.51
CA MET A 118 -7.01 -5.74 -8.61
C MET A 118 -7.76 -7.07 -8.47
N TYR A 119 -8.54 -7.22 -7.40
CA TYR A 119 -9.35 -8.45 -7.19
C TYR A 119 -10.83 -8.08 -7.21
N ASN A 120 -11.61 -8.63 -8.16
CA ASN A 120 -13.03 -8.28 -8.28
C ASN A 120 -13.22 -6.77 -8.24
N PHE A 121 -12.43 -6.07 -9.08
CA PHE A 121 -12.51 -4.62 -9.29
C PHE A 121 -12.16 -3.80 -8.06
N ASN A 122 -11.57 -4.40 -7.02
CA ASN A 122 -11.22 -3.70 -5.79
C ASN A 122 -9.76 -4.01 -5.47
N ILE A 123 -9.21 -3.38 -4.43
CA ILE A 123 -7.92 -3.86 -3.92
C ILE A 123 -8.13 -5.16 -3.17
N SER A 124 -7.04 -5.80 -2.79
CA SER A 124 -7.20 -7.03 -2.00
C SER A 124 -7.62 -6.65 -0.59
N THR A 125 -8.33 -7.57 0.04
CA THR A 125 -8.75 -7.33 1.42
C THR A 125 -7.55 -7.21 2.32
N GLN A 126 -6.46 -7.90 1.97
CA GLN A 126 -5.23 -7.82 2.76
C GLN A 126 -4.74 -6.39 2.85
N LEU A 127 -4.77 -5.65 1.73
CA LEU A 127 -4.37 -4.25 1.76
C LEU A 127 -5.45 -3.39 2.43
N LYS A 128 -6.71 -3.72 2.20
CA LYS A 128 -7.80 -2.92 2.75
C LYS A 128 -7.77 -2.93 4.28
N ASN A 129 -7.43 -4.07 4.87
CA ASN A 129 -7.43 -4.14 6.34
C ASN A 129 -6.31 -3.27 6.89
N TYR A 130 -5.19 -3.22 6.17
CA TYR A 130 -4.14 -2.28 6.54
C TYR A 130 -4.64 -0.85 6.49
N PHE A 131 -5.26 -0.43 5.40
CA PHE A 131 -5.79 0.94 5.34
C PHE A 131 -6.77 1.21 6.48
N ASP A 132 -7.62 0.23 6.80
CA ASP A 132 -8.64 0.48 7.82
C ASP A 132 -8.04 0.62 9.22
N LEU A 133 -6.83 0.09 9.47
CA LEU A 133 -6.19 0.36 10.77
C LEU A 133 -5.31 1.58 10.74
N VAL A 134 -4.92 2.02 9.55
CA VAL A 134 -4.02 3.19 9.43
C VAL A 134 -4.79 4.51 9.42
N ALA A 135 -5.99 4.55 8.83
CA ALA A 135 -6.76 5.79 8.75
C ALA A 135 -7.40 6.08 10.11
N ARG A 136 -6.85 7.03 10.84
CA ARG A 136 -7.37 7.34 12.17
C ARG A 136 -7.35 8.82 12.39
N ALA A 137 -8.51 9.37 12.77
CA ALA A 137 -8.60 10.79 13.00
C ALA A 137 -7.70 11.23 14.15
N GLY A 138 -7.01 12.35 13.94
CA GLY A 138 -6.05 12.88 14.91
C GLY A 138 -4.68 12.25 14.82
N VAL A 139 -4.52 11.21 14.02
CA VAL A 139 -3.27 10.46 13.91
C VAL A 139 -2.72 10.52 12.50
N THR A 140 -3.51 10.09 11.51
CA THR A 140 -3.05 10.16 10.13
C THR A 140 -3.82 11.18 9.30
N PHE A 141 -4.89 11.76 9.84
CA PHE A 141 -5.52 12.93 9.27
C PHE A 141 -6.21 13.66 10.40
N ARG A 142 -6.57 14.91 10.16
CA ARG A 142 -7.37 15.64 11.12
CA ARG A 142 -7.29 15.71 11.13
C ARG A 142 -8.23 16.64 10.38
N TYR A 143 -9.26 17.11 11.07
CA TYR A 143 -10.20 18.07 10.51
C TYR A 143 -9.77 19.46 10.96
N THR A 144 -9.70 20.39 10.01
CA THR A 144 -9.35 21.77 10.26
C THR A 144 -10.53 22.65 9.86
N GLU A 145 -10.41 23.93 10.21
CA GLU A 145 -11.45 24.92 9.91
C GLU A 145 -11.77 24.99 8.41
N ASN A 146 -10.87 24.51 7.56
CA ASN A 146 -11.06 24.47 6.11
C ASN A 146 -10.72 23.08 5.57
N GLY A 147 -11.25 22.06 6.23
CA GLY A 147 -11.30 20.75 5.64
C GLY A 147 -10.28 19.76 6.18
N PRO A 148 -10.33 18.55 5.64
CA PRO A 148 -9.41 17.50 6.07
C PRO A 148 -7.98 17.86 5.76
N GLU A 149 -7.08 17.37 6.60
CA GLU A 149 -5.66 17.56 6.39
C GLU A 149 -4.98 16.23 6.63
N GLY A 150 -4.20 15.75 5.66
CA GLY A 150 -3.41 14.56 5.87
C GLY A 150 -2.18 14.80 6.72
N LEU A 151 -1.92 13.86 7.61
CA LEU A 151 -0.79 14.03 8.54
C LEU A 151 0.42 13.14 8.23
N VAL A 152 0.30 12.22 7.27
CA VAL A 152 1.42 11.38 6.85
C VAL A 152 2.14 12.15 5.74
N THR A 153 3.12 12.95 6.16
CA THR A 153 3.77 13.95 5.33
C THR A 153 5.12 13.47 4.80
N GLY A 154 5.57 14.14 3.74
CA GLY A 154 6.92 13.95 3.21
C GLY A 154 7.16 12.64 2.51
N LYS A 155 6.13 11.92 2.11
CA LYS A 155 6.32 10.63 1.51
C LYS A 155 6.27 10.73 -0.01
N LYS A 156 6.96 9.80 -0.66
CA LYS A 156 6.84 9.56 -2.09
C LYS A 156 6.31 8.13 -2.21
N ALA A 157 5.19 7.95 -2.89
CA ALA A 157 4.60 6.61 -2.99
C ALA A 157 4.67 6.07 -4.41
N ILE A 158 4.91 4.76 -4.51
CA ILE A 158 4.87 4.00 -5.77
C ILE A 158 3.86 2.89 -5.61
N VAL A 159 2.83 2.88 -6.45
CA VAL A 159 1.84 1.80 -6.46
C VAL A 159 2.22 0.86 -7.60
N ILE A 160 2.34 -0.43 -7.31
CA ILE A 160 2.59 -1.45 -8.33
C ILE A 160 1.29 -2.23 -8.39
N THR A 161 0.53 -2.07 -9.47
CA THR A 161 -0.81 -2.61 -9.48
C THR A 161 -0.97 -3.56 -10.66
N SER A 162 -1.27 -4.81 -10.36
CA SER A 162 -1.35 -5.87 -11.36
C SER A 162 -2.80 -6.25 -11.59
N ARG A 163 -3.14 -6.57 -12.85
CA ARG A 163 -4.52 -6.93 -13.20
C ARG A 163 -4.48 -8.05 -14.23
N GLY A 164 -5.49 -8.91 -14.17
CA GLY A 164 -5.60 -9.96 -15.20
C GLY A 164 -6.04 -9.39 -16.54
N GLY A 165 -6.98 -8.47 -16.50
CA GLY A 165 -7.49 -7.82 -17.70
C GLY A 165 -6.77 -6.51 -17.97
N ILE A 166 -7.37 -5.71 -18.85
CA ILE A 166 -6.83 -4.43 -19.31
C ILE A 166 -7.81 -3.38 -18.86
N HIS A 167 -7.40 -2.49 -17.92
CA HIS A 167 -8.34 -1.53 -17.37
C HIS A 167 -7.82 -0.11 -17.37
N LYS A 168 -6.52 0.09 -17.59
CA LYS A 168 -5.91 1.38 -17.34
C LYS A 168 -6.62 2.47 -18.14
N ASP A 169 -6.92 3.58 -17.47
CA ASP A 169 -7.55 4.77 -18.03
C ASP A 169 -8.95 4.50 -18.57
N GLY A 170 -9.58 3.41 -18.11
CA GLY A 170 -10.95 3.10 -18.45
C GLY A 170 -11.85 3.11 -17.22
N PRO A 171 -13.16 2.97 -17.45
CA PRO A 171 -14.11 3.11 -16.34
C PRO A 171 -14.09 1.96 -15.37
N THR A 172 -13.53 0.80 -15.73
CA THR A 172 -13.48 -0.32 -14.81
C THR A 172 -12.24 -0.31 -13.93
N ASP A 173 -11.35 0.68 -14.06
CA ASP A 173 -10.24 0.83 -13.10
C ASP A 173 -10.70 1.78 -12.00
N LEU A 174 -11.32 1.20 -10.96
CA LEU A 174 -11.65 1.94 -9.78
C LEU A 174 -10.53 1.90 -8.76
N VAL A 175 -9.58 0.97 -8.93
CA VAL A 175 -8.49 0.85 -7.96
C VAL A 175 -7.58 2.07 -8.01
N THR A 176 -7.22 2.52 -9.21
CA THR A 176 -6.30 3.67 -9.31
C THR A 176 -6.87 4.91 -8.64
N PRO A 177 -8.08 5.37 -8.97
CA PRO A 177 -8.57 6.57 -8.32
C PRO A 177 -8.85 6.35 -6.84
N TYR A 178 -9.27 5.15 -6.44
CA TYR A 178 -9.43 4.90 -5.01
C TYR A 178 -8.10 5.02 -4.28
N LEU A 179 -7.02 4.42 -4.80
CA LEU A 179 -5.72 4.58 -4.14
C LEU A 179 -5.30 6.05 -4.10
N SER A 180 -5.49 6.79 -5.19
CA SER A 180 -5.10 8.21 -5.14
C SER A 180 -5.90 8.94 -4.07
N THR A 181 -7.17 8.60 -3.95
CA THR A 181 -8.06 9.30 -3.04
C THR A 181 -7.72 8.98 -1.60
N PHE A 182 -7.57 7.68 -1.30
CA PHE A 182 -7.28 7.29 0.07
C PHE A 182 -5.90 7.78 0.48
N LEU A 183 -4.88 7.52 -0.35
CA LEU A 183 -3.55 8.01 0.03
C LEU A 183 -3.52 9.52 0.18
N GLY A 184 -4.18 10.25 -0.72
CA GLY A 184 -4.15 11.71 -0.61
C GLY A 184 -4.78 12.20 0.69
N PHE A 185 -5.84 11.50 1.13
CA PHE A 185 -6.56 11.87 2.34
C PHE A 185 -5.67 11.83 3.57
N ILE A 186 -4.73 10.87 3.65
CA ILE A 186 -3.83 10.79 4.79
C ILE A 186 -2.53 11.54 4.53
N GLY A 187 -2.42 12.24 3.41
CA GLY A 187 -1.33 13.18 3.18
C GLY A 187 -0.36 12.75 2.10
N ILE A 188 -0.55 11.57 1.52
CA ILE A 188 0.38 11.02 0.54
C ILE A 188 -0.16 11.39 -0.84
N THR A 189 0.29 12.54 -1.32
CA THR A 189 -0.16 13.10 -2.57
C THR A 189 0.77 12.82 -3.74
N ASP A 190 2.03 12.49 -3.48
CA ASP A 190 3.02 12.22 -4.52
C ASP A 190 2.99 10.72 -4.73
N VAL A 191 2.26 10.26 -5.76
CA VAL A 191 2.01 8.84 -6.01
C VAL A 191 2.27 8.56 -7.48
N LYS A 192 3.18 7.63 -7.78
CA LYS A 192 3.42 7.18 -9.14
C LYS A 192 2.89 5.77 -9.28
N PHE A 193 2.20 5.51 -10.39
CA PHE A 193 1.57 4.21 -10.61
C PHE A 193 2.39 3.43 -11.63
N VAL A 194 2.58 2.16 -11.31
CA VAL A 194 3.24 1.19 -12.17
C VAL A 194 2.19 0.10 -12.46
N PHE A 195 1.89 -0.12 -13.74
CA PHE A 195 0.82 -1.08 -14.10
C PHE A 195 1.41 -2.35 -14.69
N ALA A 196 0.81 -3.48 -14.33
CA ALA A 196 1.14 -4.78 -14.96
C ALA A 196 -0.21 -5.37 -15.34
N GLU A 197 -0.69 -5.08 -16.55
CA GLU A 197 -2.03 -5.50 -16.94
C GLU A 197 -1.97 -6.63 -17.97
N GLY A 198 -3.11 -7.26 -18.16
CA GLY A 198 -3.26 -8.30 -19.17
C GLY A 198 -2.65 -9.63 -18.80
N ILE A 199 -2.31 -9.83 -17.51
CA ILE A 199 -1.72 -11.08 -17.05
C ILE A 199 -2.56 -12.29 -17.42
N ALA A 200 -3.89 -12.15 -17.44
CA ALA A 200 -4.75 -13.30 -17.63
C ALA A 200 -4.82 -13.75 -19.08
N TYR A 201 -4.21 -13.00 -20.00
CA TYR A 201 -4.22 -13.39 -21.40
C TYR A 201 -3.16 -14.42 -21.71
N GLY A 202 -2.31 -14.77 -20.74
CA GLY A 202 -1.40 -15.86 -20.92
C GLY A 202 0.05 -15.53 -20.64
N PRO A 203 0.92 -16.54 -20.72
CA PRO A 203 2.32 -16.33 -20.33
C PRO A 203 3.04 -15.26 -21.15
N GLU A 204 2.73 -15.14 -22.45
CA GLU A 204 3.38 -14.10 -23.25
CA GLU A 204 3.36 -14.11 -23.26
C GLU A 204 2.95 -12.71 -22.81
N MET A 205 1.67 -12.53 -22.55
CA MET A 205 1.21 -11.20 -22.12
C MET A 205 1.62 -10.92 -20.70
N ALA A 206 1.65 -11.94 -19.83
CA ALA A 206 2.17 -11.73 -18.49
C ALA A 206 3.64 -11.32 -18.53
N ALA A 207 4.43 -11.93 -19.42
CA ALA A 207 5.85 -11.52 -19.53
C ALA A 207 5.98 -10.09 -20.05
N LYS A 208 5.14 -9.70 -20.99
CA LYS A 208 5.23 -8.30 -21.45
C LYS A 208 4.84 -7.34 -20.34
N ALA A 209 3.82 -7.68 -19.56
CA ALA A 209 3.45 -6.82 -18.44
C ALA A 209 4.61 -6.70 -17.47
N GLN A 210 5.31 -7.80 -17.20
CA GLN A 210 6.46 -7.71 -16.30
C GLN A 210 7.53 -6.78 -16.85
N SER A 211 7.83 -6.91 -18.15
CA SER A 211 8.88 -6.10 -18.75
C SER A 211 8.47 -4.62 -18.73
N ASP A 212 7.23 -4.35 -19.09
CA ASP A 212 6.77 -2.96 -19.14
C ASP A 212 6.82 -2.33 -17.75
N ALA A 213 6.36 -3.07 -16.74
CA ALA A 213 6.37 -2.54 -15.36
C ALA A 213 7.79 -2.41 -14.84
N LYS A 214 8.65 -3.35 -15.18
CA LYS A 214 10.06 -3.21 -14.79
C LYS A 214 10.67 -1.95 -15.35
N ALA A 215 10.31 -1.59 -16.58
CA ALA A 215 10.88 -0.38 -17.17
C ALA A 215 10.37 0.87 -16.46
N ALA A 216 9.11 0.87 -16.05
CA ALA A 216 8.57 1.99 -15.29
C ALA A 216 9.27 2.09 -13.94
N ILE A 217 9.55 0.94 -13.32
CA ILE A 217 10.32 0.92 -12.07
C ILE A 217 11.73 1.46 -12.30
N ASP A 218 12.40 1.01 -13.37
CA ASP A 218 13.75 1.51 -13.66
C ASP A 218 13.76 3.02 -13.71
N SER A 219 12.72 3.61 -14.29
CA SER A 219 12.75 5.05 -14.47
C SER A 219 12.57 5.76 -13.13
N ILE A 220 11.82 5.14 -12.23
CA ILE A 220 11.60 5.71 -10.91
C ILE A 220 12.88 5.61 -10.09
N VAL A 221 13.54 4.46 -10.17
CA VAL A 221 14.79 4.21 -9.46
C VAL A 221 15.90 5.14 -9.94
N ALA A 222 15.83 5.55 -11.21
CA ALA A 222 16.86 6.39 -11.81
C ALA A 222 16.65 7.87 -11.55
N ALA A 223 15.46 8.25 -11.08
CA ALA A 223 15.13 9.64 -10.75
C ALA A 223 16.08 10.17 -9.68
#